data_4V0L
#
_entry.id   4V0L
#
_cell.length_a   118.721
_cell.length_b   118.721
_cell.length_c   146.702
_cell.angle_alpha   90.00
_cell.angle_beta   90.00
_cell.angle_gamma   120.00
#
_symmetry.space_group_name_H-M   'P 62 2 2'
#
loop_
_entity.id
_entity.type
_entity.pdbx_description
1 polymer 'ARF-LIKE SMALL GTPASE'
2 non-polymer "GUANOSINE-5'-TRIPHOSPHATE"
3 non-polymer 'MAGNESIUM ION'
4 water water
#
_entity_poly.entity_id   1
_entity_poly.type   'polypeptide(L)'
_entity_poly.pdbx_seq_one_letter_code
;GAASKKVNVLVVGLDNSGKTTIIERLKPRPRQAAEVAPTVGFTVDEVEKGPLTFTVFDMSGAGRYRTLWEQYYREADAVV
FVVDSADKLRMVVARDEMEHMLKHSNMRKVPILYFANKKDLPVAMPPVEIAQALGLDDIKDRPWQIVPSNGLTGEGVDKG
IDWLAERLS
;
_entity_poly.pdbx_strand_id   A,B
#
# COMPACT_ATOMS: atom_id res chain seq x y z
N ALA A 2 -8.99 8.91 -41.97
CA ALA A 2 -7.70 8.33 -41.61
C ALA A 2 -7.80 6.83 -41.24
N ALA A 3 -6.67 6.12 -41.39
CA ALA A 3 -6.61 4.69 -41.10
C ALA A 3 -6.75 4.45 -39.60
N SER A 4 -6.33 5.44 -38.80
CA SER A 4 -6.52 5.37 -37.36
C SER A 4 -7.83 6.03 -36.91
N LYS A 5 -8.68 5.27 -36.23
CA LYS A 5 -9.91 5.83 -35.68
C LYS A 5 -9.59 6.69 -34.45
N LYS A 6 -9.84 8.00 -34.53
CA LYS A 6 -9.65 8.87 -33.38
C LYS A 6 -10.78 8.79 -32.34
N VAL A 7 -10.43 8.46 -31.10
CA VAL A 7 -11.39 8.41 -29.99
C VAL A 7 -10.90 9.21 -28.75
N ASN A 8 -11.82 9.83 -28.03
CA ASN A 8 -11.46 10.57 -26.81
C ASN A 8 -11.63 9.69 -25.58
N VAL A 9 -10.54 9.48 -24.83
CA VAL A 9 -10.59 8.70 -23.59
C VAL A 9 -10.35 9.61 -22.38
N LEU A 10 -11.34 9.70 -21.50
CA LEU A 10 -11.27 10.60 -20.35
C LEU A 10 -10.79 9.80 -19.14
N VAL A 11 -9.71 10.26 -18.50
CA VAL A 11 -9.16 9.52 -17.36
C VAL A 11 -9.35 10.27 -16.05
N VAL A 12 -10.25 9.75 -15.22
CA VAL A 12 -10.57 10.38 -13.95
C VAL A 12 -10.41 9.40 -12.77
N GLY A 13 -10.75 9.88 -11.57
CA GLY A 13 -10.48 9.15 -10.34
C GLY A 13 -9.88 10.10 -9.31
N LEU A 14 -9.87 9.71 -8.05
CA LEU A 14 -9.36 10.58 -6.99
C LEU A 14 -7.87 10.84 -7.14
N ASP A 15 -7.40 11.96 -6.58
CA ASP A 15 -5.97 12.26 -6.57
C ASP A 15 -5.18 11.08 -5.97
N ASN A 16 -3.98 10.84 -6.50
CA ASN A 16 -3.08 9.77 -6.03
C ASN A 16 -3.53 8.34 -6.40
N SER A 17 -4.59 8.19 -7.20
CA SER A 17 -5.04 6.84 -7.58
C SER A 17 -4.10 6.15 -8.58
N GLY A 18 -3.37 6.95 -9.36
CA GLY A 18 -2.38 6.42 -10.30
C GLY A 18 -2.69 6.65 -11.77
N LYS A 19 -3.59 7.61 -12.05
CA LYS A 19 -3.99 7.93 -13.42
C LYS A 19 -2.83 8.22 -14.37
N THR A 20 -2.03 9.22 -14.01
CA THR A 20 -0.90 9.63 -14.84
C THR A 20 0.11 8.50 -15.02
N THR A 21 0.35 7.75 -13.96
CA THR A 21 1.30 6.63 -13.98
C THR A 21 0.81 5.52 -14.93
N ILE A 22 -0.48 5.21 -14.90
CA ILE A 22 -1.03 4.21 -15.80
C ILE A 22 -0.95 4.66 -17.27
N ILE A 23 -1.17 5.94 -17.52
CA ILE A 23 -1.08 6.42 -18.89
C ILE A 23 0.38 6.31 -19.42
N GLU A 24 1.36 6.54 -18.56
CA GLU A 24 2.77 6.33 -18.94
C GLU A 24 3.00 4.92 -19.46
N ARG A 25 2.36 3.92 -18.84
CA ARG A 25 2.49 2.54 -19.30
C ARG A 25 1.99 2.33 -20.72
N LEU A 26 1.17 3.26 -21.22
CA LEU A 26 0.63 3.16 -22.58
C LEU A 26 1.54 3.81 -23.62
N LYS A 27 2.49 4.63 -23.16
CA LYS A 27 3.42 5.32 -24.06
C LYS A 27 4.55 4.38 -24.48
N PRO A 28 5.21 4.68 -25.62
CA PRO A 28 6.38 3.89 -26.02
C PRO A 28 7.42 3.97 -24.93
N ARG A 29 8.10 2.86 -24.64
CA ARG A 29 9.05 2.83 -23.53
C ARG A 29 10.09 3.96 -23.47
N PRO A 30 10.68 4.36 -24.61
CA PRO A 30 11.62 5.49 -24.56
C PRO A 30 10.95 6.83 -24.23
N ARG A 31 9.62 6.88 -24.27
CA ARG A 31 8.92 8.13 -24.02
C ARG A 31 8.35 8.18 -22.59
N GLN A 32 8.48 7.07 -21.86
CA GLN A 32 7.98 7.01 -20.49
C GLN A 32 8.82 7.83 -19.52
N ALA A 33 8.16 8.46 -18.56
CA ALA A 33 8.82 9.34 -17.61
C ALA A 33 9.33 8.57 -16.40
N ALA A 34 10.47 9.00 -15.89
CA ALA A 34 11.07 8.40 -14.71
C ALA A 34 10.13 8.56 -13.52
N GLU A 35 9.75 9.80 -13.26
CA GLU A 35 8.88 10.14 -12.15
C GLU A 35 7.70 10.95 -12.64
N VAL A 36 6.55 10.81 -11.98
CA VAL A 36 5.46 11.73 -12.24
C VAL A 36 5.05 12.44 -10.96
N ALA A 37 4.63 13.69 -11.11
CA ALA A 37 4.17 14.50 -9.99
C ALA A 37 2.65 14.62 -10.08
N PRO A 38 2.02 15.11 -9.01
CA PRO A 38 0.58 15.39 -9.09
C PRO A 38 0.26 16.24 -10.32
N THR A 39 -0.86 15.97 -10.98
CA THR A 39 -1.22 16.69 -12.18
C THR A 39 -1.81 18.03 -11.78
N VAL A 40 -1.42 19.08 -12.49
CA VAL A 40 -1.96 20.41 -12.26
C VAL A 40 -3.04 20.71 -13.31
N GLY A 41 -4.30 20.68 -12.88
CA GLY A 41 -5.42 20.87 -13.79
C GLY A 41 -5.66 19.60 -14.59
N PHE A 42 -5.10 19.55 -15.79
CA PHE A 42 -5.14 18.34 -16.60
C PHE A 42 -4.08 18.45 -17.65
N THR A 43 -3.76 17.34 -18.29
CA THR A 43 -2.89 17.37 -19.44
C THR A 43 -3.46 16.44 -20.49
N VAL A 44 -2.89 16.45 -21.69
CA VAL A 44 -3.40 15.63 -22.78
C VAL A 44 -2.29 14.72 -23.30
N ASP A 45 -2.62 13.47 -23.63
CA ASP A 45 -1.63 12.59 -24.25
C ASP A 45 -2.24 11.95 -25.50
N GLU A 46 -1.40 11.65 -26.49
CA GLU A 46 -1.86 10.83 -27.60
C GLU A 46 -1.14 9.51 -27.62
N VAL A 47 -1.90 8.43 -27.69
CA VAL A 47 -1.37 7.09 -27.65
C VAL A 47 -1.97 6.32 -28.80
N GLU A 48 -1.15 5.58 -29.54
CA GLU A 48 -1.66 4.70 -30.58
C GLU A 48 -1.95 3.34 -29.97
N LYS A 49 -3.08 2.75 -30.36
CA LYS A 49 -3.48 1.44 -29.84
C LYS A 49 -4.21 0.74 -30.97
N GLY A 50 -3.57 -0.28 -31.54
CA GLY A 50 -4.09 -0.93 -32.73
C GLY A 50 -4.55 0.07 -33.77
N PRO A 51 -5.81 -0.06 -34.22
CA PRO A 51 -6.42 0.84 -35.21
C PRO A 51 -6.85 2.18 -34.63
N LEU A 52 -6.79 2.34 -33.31
CA LEU A 52 -7.29 3.56 -32.67
C LEU A 52 -6.18 4.53 -32.32
N THR A 53 -6.52 5.82 -32.31
CA THR A 53 -5.64 6.84 -31.74
C THR A 53 -6.39 7.48 -30.57
N PHE A 54 -5.96 7.14 -29.35
CA PHE A 54 -6.53 7.72 -28.13
C PHE A 54 -6.07 9.14 -27.94
N THR A 55 -7.01 10.08 -27.87
CA THR A 55 -6.72 11.37 -27.26
C THR A 55 -7.06 11.21 -25.78
N VAL A 56 -6.04 11.15 -24.92
CA VAL A 56 -6.23 10.88 -23.50
C VAL A 56 -6.30 12.16 -22.70
N PHE A 57 -7.42 12.36 -22.00
CA PHE A 57 -7.55 13.51 -21.13
C PHE A 57 -7.18 13.07 -19.71
N ASP A 58 -5.98 13.43 -19.29
CA ASP A 58 -5.46 13.04 -17.98
C ASP A 58 -5.82 14.12 -16.96
N MET A 59 -6.96 13.94 -16.29
CA MET A 59 -7.45 14.94 -15.32
C MET A 59 -6.75 14.80 -13.98
N SER A 60 -6.51 15.91 -13.30
CA SER A 60 -6.19 15.85 -11.89
C SER A 60 -7.39 15.31 -11.12
N GLY A 61 -7.11 14.53 -10.08
CA GLY A 61 -8.15 14.04 -9.20
C GLY A 61 -8.28 14.85 -7.91
N ALA A 62 -7.46 15.88 -7.76
CA ALA A 62 -7.54 16.75 -6.59
C ALA A 62 -8.88 17.49 -6.59
N GLY A 63 -9.44 17.73 -5.40
CA GLY A 63 -10.76 18.34 -5.29
C GLY A 63 -10.90 19.69 -5.98
N ARG A 64 -9.86 20.51 -5.93
CA ARG A 64 -9.93 21.82 -6.56
C ARG A 64 -10.07 21.73 -8.09
N TYR A 65 -9.69 20.59 -8.67
CA TYR A 65 -9.71 20.44 -10.12
C TYR A 65 -10.83 19.55 -10.62
N ARG A 66 -11.56 18.92 -9.71
CA ARG A 66 -12.58 17.97 -10.14
C ARG A 66 -13.70 18.60 -10.95
N THR A 67 -13.91 19.90 -10.78
CA THR A 67 -14.94 20.52 -11.60
C THR A 67 -14.51 20.59 -13.06
N LEU A 68 -13.22 20.38 -13.34
CA LEU A 68 -12.75 20.39 -14.73
C LEU A 68 -13.22 19.14 -15.48
N TRP A 69 -13.40 18.04 -14.76
CA TRP A 69 -13.73 16.77 -15.38
C TRP A 69 -14.91 16.93 -16.34
N GLU A 70 -15.95 17.58 -15.85
CA GLU A 70 -17.21 17.60 -16.59
C GLU A 70 -17.14 18.46 -17.84
N GLN A 71 -16.10 19.28 -17.98
CA GLN A 71 -15.92 20.04 -19.21
C GLN A 71 -15.60 19.10 -20.38
N TYR A 72 -15.23 17.84 -20.08
CA TYR A 72 -14.81 16.91 -21.13
C TYR A 72 -15.68 15.67 -21.25
N TYR A 73 -16.85 15.70 -20.61
CA TYR A 73 -17.80 14.57 -20.71
C TYR A 73 -18.46 14.52 -22.09
N ARG A 74 -18.83 15.69 -22.59
CA ARG A 74 -19.58 15.80 -23.82
C ARG A 74 -18.91 15.06 -24.98
N GLU A 75 -17.59 15.16 -25.06
CA GLU A 75 -16.87 14.57 -26.19
C GLU A 75 -16.13 13.29 -25.81
N ALA A 76 -16.30 12.81 -24.58
CA ALA A 76 -15.65 11.57 -24.18
C ALA A 76 -16.29 10.38 -24.87
N ASP A 77 -15.48 9.49 -25.46
CA ASP A 77 -16.01 8.27 -26.08
C ASP A 77 -15.89 7.06 -25.16
N ALA A 78 -15.09 7.23 -24.10
CA ALA A 78 -14.91 6.20 -23.12
C ALA A 78 -14.35 6.84 -21.87
N VAL A 79 -14.47 6.16 -20.73
CA VAL A 79 -13.92 6.69 -19.50
C VAL A 79 -13.04 5.65 -18.86
N VAL A 80 -11.90 6.07 -18.32
CA VAL A 80 -11.10 5.22 -17.46
C VAL A 80 -11.17 5.81 -16.05
N PHE A 81 -11.80 5.07 -15.15
CA PHE A 81 -11.95 5.52 -13.78
C PHE A 81 -10.95 4.73 -12.94
N VAL A 82 -9.93 5.43 -12.42
CA VAL A 82 -8.87 4.76 -11.68
C VAL A 82 -9.11 4.88 -10.17
N VAL A 83 -8.94 3.79 -9.44
CA VAL A 83 -9.07 3.88 -7.99
C VAL A 83 -7.85 3.29 -7.27
N ASP A 84 -7.43 3.96 -6.20
CA ASP A 84 -6.37 3.46 -5.33
C ASP A 84 -6.95 2.32 -4.49
N SER A 85 -6.59 1.08 -4.81
CA SER A 85 -7.18 -0.07 -4.10
C SER A 85 -6.87 -0.05 -2.60
N ALA A 86 -5.84 0.69 -2.22
CA ALA A 86 -5.39 0.72 -0.83
C ALA A 86 -6.11 1.81 -0.01
N ASP A 87 -6.90 2.64 -0.69
CA ASP A 87 -7.56 3.77 -0.03
C ASP A 87 -9.02 3.42 0.26
N LYS A 88 -9.21 2.60 1.29
CA LYS A 88 -10.54 2.19 1.70
C LYS A 88 -11.37 3.39 2.16
N LEU A 89 -10.73 4.32 2.86
CA LEU A 89 -11.42 5.46 3.45
C LEU A 89 -12.19 6.31 2.44
N ARG A 90 -11.62 6.53 1.26
CA ARG A 90 -12.24 7.41 0.28
C ARG A 90 -13.04 6.71 -0.82
N MET A 91 -13.29 5.41 -0.67
CA MET A 91 -14.12 4.70 -1.64
C MET A 91 -15.47 5.38 -1.80
N VAL A 92 -15.99 5.89 -0.70
CA VAL A 92 -17.30 6.52 -0.74
C VAL A 92 -17.23 7.89 -1.46
N VAL A 93 -16.07 8.53 -1.38
CA VAL A 93 -15.86 9.78 -2.11
C VAL A 93 -15.76 9.47 -3.61
N ALA A 94 -14.94 8.46 -3.95
CA ALA A 94 -14.83 7.96 -5.32
C ALA A 94 -16.21 7.68 -5.88
N ARG A 95 -17.02 6.97 -5.10
CA ARG A 95 -18.40 6.68 -5.50
C ARG A 95 -19.23 7.95 -5.73
N ASP A 96 -19.15 8.90 -4.81
CA ASP A 96 -19.87 10.15 -4.99
C ASP A 96 -19.49 10.85 -6.30
N GLU A 97 -18.19 10.95 -6.57
CA GLU A 97 -17.74 11.62 -7.77
C GLU A 97 -18.15 10.82 -9.00
N MET A 98 -18.14 9.50 -8.87
CA MET A 98 -18.55 8.63 -9.96
C MET A 98 -20.01 8.89 -10.31
N GLU A 99 -20.87 8.96 -9.30
CA GLU A 99 -22.30 9.21 -9.53
C GLU A 99 -22.56 10.60 -10.14
N HIS A 100 -21.82 11.60 -9.69
CA HIS A 100 -22.00 12.92 -10.26
C HIS A 100 -21.65 12.86 -11.75
N MET A 101 -20.59 12.11 -12.08
CA MET A 101 -20.20 11.89 -13.48
C MET A 101 -21.33 11.20 -14.25
N LEU A 102 -21.81 10.07 -13.73
CA LEU A 102 -22.90 9.32 -14.38
C LEU A 102 -24.16 10.15 -14.62
N LYS A 103 -24.50 11.02 -13.66
CA LYS A 103 -25.76 11.78 -13.73
C LYS A 103 -25.65 13.02 -14.60
N HIS A 104 -24.42 13.39 -14.94
CA HIS A 104 -24.20 14.65 -15.64
C HIS A 104 -24.86 14.59 -17.02
N SER A 105 -25.55 15.65 -17.43
CA SER A 105 -26.29 15.56 -18.68
C SER A 105 -25.41 15.49 -19.94
N ASN A 106 -24.13 15.81 -19.83
CA ASN A 106 -23.21 15.67 -20.96
C ASN A 106 -22.49 14.33 -21.02
N MET A 107 -22.60 13.52 -19.98
CA MET A 107 -22.00 12.19 -20.04
C MET A 107 -22.95 11.22 -20.72
N ARG A 108 -22.52 10.68 -21.86
CA ARG A 108 -23.32 9.71 -22.58
C ARG A 108 -23.01 8.32 -22.06
N LYS A 109 -23.76 7.33 -22.54
CA LYS A 109 -23.60 5.97 -22.04
C LYS A 109 -22.43 5.27 -22.70
N VAL A 110 -21.25 5.81 -22.47
CA VAL A 110 -20.03 5.27 -23.06
C VAL A 110 -19.38 4.26 -22.10
N PRO A 111 -18.57 3.34 -22.66
CA PRO A 111 -17.89 2.35 -21.82
C PRO A 111 -17.05 2.98 -20.70
N ILE A 112 -17.00 2.31 -19.57
CA ILE A 112 -16.15 2.72 -18.48
C ILE A 112 -15.23 1.58 -18.10
N LEU A 113 -13.92 1.83 -18.16
CA LEU A 113 -12.94 0.88 -17.62
C LEU A 113 -12.57 1.33 -16.22
N TYR A 114 -12.73 0.44 -15.25
CA TYR A 114 -12.26 0.72 -13.89
C TYR A 114 -10.94 0.00 -13.64
N PHE A 115 -9.89 0.75 -13.30
CA PHE A 115 -8.66 0.13 -12.80
C PHE A 115 -8.64 0.09 -11.28
N ALA A 116 -8.55 -1.11 -10.74
CA ALA A 116 -8.31 -1.29 -9.30
C ALA A 116 -6.80 -1.20 -9.14
N ASN A 117 -6.29 0.03 -9.15
CA ASN A 117 -4.86 0.23 -9.17
C ASN A 117 -4.19 -0.04 -7.82
N LYS A 118 -2.87 -0.13 -7.84
CA LYS A 118 -2.05 -0.43 -6.65
C LYS A 118 -2.36 -1.80 -6.05
N LYS A 119 -2.59 -2.78 -6.91
CA LYS A 119 -2.87 -4.15 -6.45
C LYS A 119 -1.65 -4.77 -5.75
N ASP A 120 -0.48 -4.16 -5.91
CA ASP A 120 0.75 -4.66 -5.33
C ASP A 120 0.83 -4.42 -3.83
N LEU A 121 0.04 -3.47 -3.33
CA LEU A 121 0.05 -3.14 -1.92
C LEU A 121 -0.78 -4.16 -1.15
N PRO A 122 -0.19 -4.74 -0.08
CA PRO A 122 -0.86 -5.79 0.69
C PRO A 122 -2.21 -5.35 1.29
N VAL A 123 -2.37 -4.06 1.56
CA VAL A 123 -3.66 -3.56 2.03
C VAL A 123 -4.69 -3.39 0.91
N ALA A 124 -4.31 -3.67 -0.34
CA ALA A 124 -5.25 -3.50 -1.46
C ALA A 124 -6.55 -4.29 -1.27
N MET A 125 -7.65 -3.59 -1.44
CA MET A 125 -8.98 -4.19 -1.49
C MET A 125 -9.07 -4.91 -2.84
N PRO A 126 -9.65 -6.12 -2.86
CA PRO A 126 -9.80 -6.86 -4.12
C PRO A 126 -10.85 -6.21 -5.02
N PRO A 127 -10.70 -6.37 -6.34
CA PRO A 127 -11.61 -5.80 -7.35
C PRO A 127 -13.08 -6.04 -7.02
N VAL A 128 -13.42 -7.25 -6.58
CA VAL A 128 -14.82 -7.56 -6.26
C VAL A 128 -15.36 -6.67 -5.13
N GLU A 129 -14.53 -6.39 -4.14
CA GLU A 129 -14.97 -5.54 -3.04
C GLU A 129 -15.06 -4.08 -3.50
N ILE A 130 -14.12 -3.66 -4.33
CA ILE A 130 -14.17 -2.31 -4.89
C ILE A 130 -15.45 -2.17 -5.70
N ALA A 131 -15.75 -3.17 -6.52
CA ALA A 131 -17.02 -3.20 -7.25
C ALA A 131 -18.25 -3.03 -6.33
N GLN A 132 -18.22 -3.66 -5.16
CA GLN A 132 -19.33 -3.53 -4.19
C GLN A 132 -19.39 -2.12 -3.60
N ALA A 133 -18.26 -1.63 -3.11
CA ALA A 133 -18.20 -0.28 -2.55
C ALA A 133 -18.69 0.80 -3.54
N LEU A 134 -18.35 0.66 -4.82
CA LEU A 134 -18.72 1.67 -5.80
C LEU A 134 -20.12 1.46 -6.38
N GLY A 135 -20.71 0.28 -6.16
CA GLY A 135 -22.03 0.00 -6.69
C GLY A 135 -22.09 -0.30 -8.19
N LEU A 136 -20.98 -0.82 -8.73
CA LEU A 136 -20.85 -1.06 -10.17
C LEU A 136 -21.88 -2.00 -10.79
N ASP A 137 -22.32 -3.02 -10.04
CA ASP A 137 -23.27 -3.99 -10.56
C ASP A 137 -24.61 -3.34 -10.89
N ASP A 138 -24.84 -2.14 -10.36
CA ASP A 138 -26.06 -1.39 -10.66
C ASP A 138 -25.96 -0.68 -12.00
N ILE A 139 -24.76 -0.62 -12.58
CA ILE A 139 -24.59 0.05 -13.87
C ILE A 139 -24.98 -0.92 -14.99
N LYS A 140 -26.20 -0.77 -15.49
CA LYS A 140 -26.70 -1.73 -16.47
C LYS A 140 -26.96 -1.13 -17.84
N ASP A 141 -26.70 0.16 -18.00
CA ASP A 141 -27.05 0.83 -19.23
C ASP A 141 -25.83 1.08 -20.11
N ARG A 142 -24.74 0.39 -19.80
CA ARG A 142 -23.41 0.85 -20.17
C ARG A 142 -22.44 -0.32 -20.06
N PRO A 143 -21.54 -0.49 -21.03
CA PRO A 143 -20.51 -1.52 -20.84
C PRO A 143 -19.52 -1.06 -19.77
N TRP A 144 -19.15 -1.94 -18.84
CA TRP A 144 -18.08 -1.61 -17.90
C TRP A 144 -17.32 -2.86 -17.52
N GLN A 145 -16.14 -2.65 -16.96
CA GLN A 145 -15.28 -3.76 -16.54
C GLN A 145 -14.37 -3.24 -15.45
N ILE A 146 -13.97 -4.10 -14.52
CA ILE A 146 -12.98 -3.72 -13.51
C ILE A 146 -11.74 -4.63 -13.61
N VAL A 147 -10.55 -4.04 -13.66
CA VAL A 147 -9.31 -4.81 -13.76
C VAL A 147 -8.32 -4.32 -12.72
N PRO A 148 -7.70 -5.25 -11.99
CA PRO A 148 -6.67 -4.88 -11.01
C PRO A 148 -5.39 -4.54 -11.76
N SER A 149 -4.65 -3.54 -11.28
CA SER A 149 -3.47 -3.09 -11.99
C SER A 149 -2.35 -2.67 -11.06
N ASN A 150 -1.12 -2.73 -11.59
CA ASN A 150 0.03 -2.14 -10.95
C ASN A 150 0.58 -1.17 -11.97
N GLY A 151 0.36 0.13 -11.74
CA GLY A 151 0.73 1.14 -12.72
C GLY A 151 2.22 1.29 -12.86
N LEU A 152 2.97 0.82 -11.86
CA LEU A 152 4.44 0.93 -11.88
C LEU A 152 5.04 -0.03 -12.90
N THR A 153 4.49 -1.24 -12.94
CA THR A 153 5.00 -2.30 -13.80
C THR A 153 4.16 -2.46 -15.09
N GLY A 154 2.94 -1.94 -15.07
CA GLY A 154 2.05 -2.07 -16.22
C GLY A 154 1.17 -3.30 -16.13
N GLU A 155 1.36 -4.10 -15.08
CA GLU A 155 0.59 -5.33 -14.92
C GLU A 155 -0.90 -5.02 -14.92
N GLY A 156 -1.65 -5.73 -15.76
CA GLY A 156 -3.07 -5.51 -15.87
C GLY A 156 -3.45 -4.40 -16.83
N VAL A 157 -2.51 -3.51 -17.16
CA VAL A 157 -2.86 -2.36 -17.98
C VAL A 157 -3.31 -2.75 -19.40
N ASP A 158 -2.52 -3.60 -20.06
CA ASP A 158 -2.87 -4.06 -21.41
C ASP A 158 -4.23 -4.76 -21.41
N LYS A 159 -4.44 -5.61 -20.41
CA LYS A 159 -5.71 -6.32 -20.27
C LYS A 159 -6.91 -5.36 -20.23
N GLY A 160 -6.79 -4.30 -19.44
CA GLY A 160 -7.89 -3.33 -19.36
C GLY A 160 -8.07 -2.56 -20.66
N ILE A 161 -6.96 -2.12 -21.23
CA ILE A 161 -6.99 -1.31 -22.45
C ILE A 161 -7.46 -2.11 -23.66
N ASP A 162 -7.12 -3.40 -23.71
CA ASP A 162 -7.59 -4.27 -24.78
C ASP A 162 -9.11 -4.35 -24.75
N TRP A 163 -9.67 -4.59 -23.57
CA TRP A 163 -11.12 -4.57 -23.40
C TRP A 163 -11.72 -3.25 -23.90
N LEU A 164 -11.11 -2.14 -23.53
CA LEU A 164 -11.64 -0.85 -23.92
C LEU A 164 -11.56 -0.65 -25.43
N ALA A 165 -10.46 -1.11 -26.03
CA ALA A 165 -10.25 -0.97 -27.48
C ALA A 165 -11.29 -1.77 -28.26
N GLU A 166 -11.57 -2.98 -27.80
CA GLU A 166 -12.62 -3.78 -28.40
C GLU A 166 -13.94 -3.02 -28.40
N ARG A 167 -14.21 -2.29 -27.32
CA ARG A 167 -15.46 -1.55 -27.22
C ARG A 167 -15.54 -0.37 -28.18
N LEU A 168 -14.39 0.17 -28.57
CA LEU A 168 -14.36 1.39 -29.39
C LEU A 168 -14.07 1.13 -30.88
N SER A 169 -13.87 -0.12 -31.24
CA SER A 169 -13.45 -0.47 -32.60
C SER A 169 -14.65 -0.63 -33.53
N SER B 4 -3.04 -26.19 16.12
CA SER B 4 -2.92 -24.79 16.51
C SER B 4 -1.74 -24.53 17.47
N LYS B 5 -0.56 -24.32 16.92
CA LYS B 5 0.62 -24.02 17.74
C LYS B 5 0.65 -22.55 18.16
N LYS B 6 0.67 -22.32 19.48
CA LYS B 6 0.69 -20.97 20.02
C LYS B 6 2.11 -20.47 20.29
N VAL B 7 2.39 -19.25 19.86
CA VAL B 7 3.70 -18.65 20.04
C VAL B 7 3.59 -17.19 20.47
N ASN B 8 4.40 -16.83 21.48
CA ASN B 8 4.44 -15.47 21.96
C ASN B 8 5.40 -14.65 21.11
N VAL B 9 4.89 -13.61 20.45
CA VAL B 9 5.71 -12.74 19.62
C VAL B 9 5.81 -11.38 20.28
N LEU B 10 7.03 -11.04 20.72
CA LEU B 10 7.26 -9.76 21.39
C LEU B 10 7.64 -8.66 20.37
N VAL B 11 6.91 -7.56 20.40
CA VAL B 11 7.15 -6.48 19.46
C VAL B 11 7.65 -5.26 20.20
N VAL B 12 8.92 -4.95 19.99
CA VAL B 12 9.54 -3.83 20.69
C VAL B 12 10.22 -2.87 19.73
N GLY B 13 10.76 -1.79 20.29
CA GLY B 13 11.34 -0.72 19.48
C GLY B 13 10.95 0.62 20.07
N LEU B 14 11.73 1.66 19.76
CA LEU B 14 11.48 2.99 20.30
C LEU B 14 10.08 3.50 19.94
N ASP B 15 9.56 4.42 20.76
CA ASP B 15 8.28 5.04 20.46
C ASP B 15 8.34 5.69 19.07
N ASN B 16 7.18 5.76 18.40
CA ASN B 16 7.08 6.31 17.06
C ASN B 16 7.76 5.50 15.95
N SER B 17 8.20 4.28 16.26
CA SER B 17 8.87 3.47 15.23
C SER B 17 7.90 2.80 14.25
N GLY B 18 6.69 2.48 14.72
CA GLY B 18 5.67 1.88 13.85
C GLY B 18 5.19 0.49 14.26
N LYS B 19 5.54 0.06 15.47
CA LYS B 19 5.12 -1.24 16.01
C LYS B 19 3.61 -1.53 15.86
N THR B 20 2.79 -0.64 16.41
CA THR B 20 1.33 -0.82 16.42
C THR B 20 0.73 -0.81 15.01
N THR B 21 1.21 0.10 14.16
CA THR B 21 0.77 0.15 12.77
C THR B 21 1.12 -1.15 12.03
N ILE B 22 2.34 -1.64 12.23
CA ILE B 22 2.78 -2.86 11.58
C ILE B 22 1.93 -4.06 12.05
N ILE B 23 1.60 -4.08 13.35
CA ILE B 23 0.78 -5.15 13.90
C ILE B 23 -0.61 -5.15 13.28
N GLU B 24 -1.18 -3.97 13.05
CA GLU B 24 -2.43 -3.88 12.28
C GLU B 24 -2.30 -4.61 10.93
N ARG B 25 -1.18 -4.43 10.24
CA ARG B 25 -0.95 -5.12 8.98
C ARG B 25 -0.96 -6.65 9.09
N LEU B 26 -0.79 -7.17 10.31
CA LEU B 26 -0.78 -8.62 10.51
C LEU B 26 -2.19 -9.19 10.52
N LYS B 27 -3.16 -8.34 10.83
CA LYS B 27 -4.55 -8.77 10.98
C LYS B 27 -5.20 -8.92 9.60
N PRO B 28 -6.26 -9.75 9.51
CA PRO B 28 -7.07 -9.83 8.30
C PRO B 28 -7.53 -8.44 7.87
N ARG B 29 -7.33 -8.14 6.59
CA ARG B 29 -7.50 -6.81 6.02
C ARG B 29 -8.77 -6.06 6.45
N PRO B 30 -9.96 -6.70 6.36
CA PRO B 30 -11.15 -6.00 6.84
C PRO B 30 -11.20 -5.77 8.37
N ARG B 31 -10.28 -6.37 9.12
CA ARG B 31 -10.29 -6.24 10.58
C ARG B 31 -9.29 -5.18 11.08
N GLN B 32 -8.55 -4.59 10.16
CA GLN B 32 -7.51 -3.64 10.52
C GLN B 32 -8.11 -2.30 10.92
N ALA B 33 -7.53 -1.65 11.92
CA ALA B 33 -8.07 -0.39 12.44
C ALA B 33 -7.88 0.75 11.45
N ALA B 34 -8.79 1.71 11.48
CA ALA B 34 -8.67 2.89 10.61
C ALA B 34 -7.62 3.87 11.17
N GLU B 35 -7.49 3.91 12.50
CA GLU B 35 -6.55 4.83 13.16
C GLU B 35 -5.86 4.16 14.37
N VAL B 36 -4.57 4.43 14.55
CA VAL B 36 -3.93 4.04 15.81
C VAL B 36 -3.35 5.26 16.52
N ALA B 37 -3.11 5.13 17.82
CA ALA B 37 -2.57 6.21 18.63
C ALA B 37 -1.34 5.68 19.34
N PRO B 38 -0.47 6.58 19.83
CA PRO B 38 0.72 6.10 20.55
C PRO B 38 0.33 5.19 21.71
N THR B 39 1.06 4.09 21.89
CA THR B 39 0.76 3.13 22.95
C THR B 39 1.40 3.54 24.27
N VAL B 40 0.61 3.49 25.34
CA VAL B 40 1.12 3.78 26.68
C VAL B 40 0.75 2.65 27.61
N GLY B 41 1.74 1.93 28.14
CA GLY B 41 1.51 0.62 28.76
C GLY B 41 1.78 -0.43 27.68
N PHE B 42 0.91 -1.43 27.58
CA PHE B 42 1.00 -2.36 26.45
C PHE B 42 -0.33 -3.04 26.14
N THR B 43 -0.41 -3.66 24.96
CA THR B 43 -1.61 -4.40 24.57
C THR B 43 -1.24 -5.73 23.90
N VAL B 44 -2.19 -6.66 23.85
CA VAL B 44 -1.90 -8.01 23.35
C VAL B 44 -2.92 -8.44 22.30
N ASP B 45 -2.45 -8.81 21.11
CA ASP B 45 -3.33 -9.17 20.01
C ASP B 45 -3.12 -10.64 19.66
N GLU B 46 -4.17 -11.30 19.21
CA GLU B 46 -4.06 -12.67 18.74
C GLU B 46 -4.26 -12.71 17.24
N VAL B 47 -3.26 -13.20 16.51
CA VAL B 47 -3.33 -13.26 15.05
C VAL B 47 -3.08 -14.68 14.56
N GLU B 48 -3.85 -15.12 13.56
CA GLU B 48 -3.67 -16.45 12.98
C GLU B 48 -2.72 -16.39 11.80
N LYS B 49 -1.73 -17.27 11.80
CA LYS B 49 -0.70 -17.27 10.77
C LYS B 49 -0.49 -18.70 10.28
N GLY B 50 -1.48 -19.23 9.57
CA GLY B 50 -1.48 -20.61 9.15
C GLY B 50 -1.61 -21.53 10.34
N PRO B 51 -0.67 -22.49 10.47
CA PRO B 51 -0.63 -23.46 11.56
C PRO B 51 -0.38 -22.78 12.90
N LEU B 52 0.28 -21.62 12.84
CA LEU B 52 0.68 -20.90 14.05
C LEU B 52 -0.38 -19.91 14.51
N THR B 53 -0.54 -19.78 15.83
CA THR B 53 -1.30 -18.67 16.38
C THR B 53 -0.34 -17.74 17.16
N PHE B 54 -0.29 -16.47 16.75
CA PHE B 54 0.58 -15.48 17.37
C PHE B 54 -0.15 -14.75 18.47
N THR B 55 0.41 -14.81 19.67
CA THR B 55 0.02 -13.91 20.75
C THR B 55 1.03 -12.77 20.65
N VAL B 56 0.56 -11.64 20.13
CA VAL B 56 1.45 -10.55 19.78
C VAL B 56 1.47 -9.53 20.91
N PHE B 57 2.65 -9.32 21.49
CA PHE B 57 2.80 -8.35 22.57
C PHE B 57 3.23 -6.99 21.99
N ASP B 58 2.28 -6.05 21.95
CA ASP B 58 2.53 -4.70 21.42
C ASP B 58 2.94 -3.79 22.56
N MET B 59 4.24 -3.65 22.76
CA MET B 59 4.75 -2.86 23.88
C MET B 59 4.82 -1.36 23.55
N SER B 60 4.65 -0.51 24.55
CA SER B 60 4.92 0.91 24.37
C SER B 60 6.41 1.07 24.17
N GLY B 61 6.79 2.02 23.33
CA GLY B 61 8.20 2.34 23.18
C GLY B 61 8.57 3.58 23.98
N ALA B 62 7.60 4.20 24.65
CA ALA B 62 7.91 5.36 25.48
C ALA B 62 8.86 4.96 26.61
N GLY B 63 9.76 5.86 26.99
CA GLY B 63 10.82 5.57 27.95
C GLY B 63 10.40 4.97 29.28
N ARG B 64 9.34 5.49 29.89
CA ARG B 64 8.86 4.96 31.18
C ARG B 64 8.33 3.52 31.12
N TYR B 65 8.14 2.99 29.91
CA TYR B 65 7.57 1.65 29.79
C TYR B 65 8.53 0.62 29.19
N ARG B 66 9.79 1.01 29.00
CA ARG B 66 10.75 0.09 28.42
C ARG B 66 11.16 -1.05 29.35
N THR B 67 11.07 -0.85 30.66
CA THR B 67 11.35 -1.95 31.60
C THR B 67 10.38 -3.11 31.42
N LEU B 68 9.19 -2.83 30.88
CA LEU B 68 8.22 -3.90 30.62
C LEU B 68 8.74 -4.87 29.57
N TRP B 69 9.60 -4.40 28.67
CA TRP B 69 10.15 -5.26 27.62
C TRP B 69 10.81 -6.51 28.21
N GLU B 70 11.65 -6.32 29.23
CA GLU B 70 12.37 -7.47 29.80
C GLU B 70 11.43 -8.45 30.50
N GLN B 71 10.42 -7.94 31.21
CA GLN B 71 9.38 -8.80 31.80
C GLN B 71 8.80 -9.79 30.81
N TYR B 72 8.51 -9.31 29.60
CA TYR B 72 7.81 -10.13 28.60
C TYR B 72 8.72 -10.83 27.60
N TYR B 73 10.00 -10.47 27.59
CA TYR B 73 10.98 -11.20 26.78
C TYR B 73 11.21 -12.61 27.35
N ARG B 74 10.92 -12.77 28.64
CA ARG B 74 11.09 -14.07 29.31
C ARG B 74 10.20 -15.14 28.70
N GLU B 75 8.96 -14.78 28.41
CA GLU B 75 8.02 -15.75 27.82
C GLU B 75 7.98 -15.69 26.29
N ALA B 76 8.92 -14.94 25.70
CA ALA B 76 8.90 -14.69 24.26
C ALA B 76 9.49 -15.83 23.42
N ASP B 77 8.79 -16.21 22.37
CA ASP B 77 9.29 -17.23 21.45
C ASP B 77 9.99 -16.59 20.27
N ALA B 78 9.80 -15.28 20.12
CA ALA B 78 10.41 -14.50 19.05
C ALA B 78 10.23 -13.03 19.34
N VAL B 79 11.08 -12.21 18.72
CA VAL B 79 11.05 -10.77 18.91
C VAL B 79 10.93 -10.14 17.54
N VAL B 80 10.06 -9.13 17.43
CA VAL B 80 10.06 -8.25 16.27
C VAL B 80 10.58 -6.90 16.78
N PHE B 81 11.70 -6.45 16.22
CA PHE B 81 12.28 -5.19 16.66
C PHE B 81 12.10 -4.19 15.53
N VAL B 82 11.36 -3.12 15.81
CA VAL B 82 11.02 -2.14 14.77
C VAL B 82 11.88 -0.87 14.90
N VAL B 83 12.41 -0.37 13.78
CA VAL B 83 13.08 0.93 13.81
C VAL B 83 12.50 1.89 12.76
N ASP B 84 12.49 3.18 13.11
CA ASP B 84 12.15 4.22 12.17
C ASP B 84 13.42 4.47 11.31
N SER B 85 13.41 4.00 10.06
CA SER B 85 14.54 4.16 9.15
C SER B 85 14.98 5.62 8.98
N ALA B 86 14.10 6.56 9.31
CA ALA B 86 14.38 7.96 9.09
C ALA B 86 14.92 8.60 10.34
N ASP B 87 14.92 7.86 11.45
CA ASP B 87 15.34 8.44 12.73
C ASP B 87 16.80 8.07 13.03
N LYS B 88 17.68 8.54 12.16
CA LYS B 88 19.13 8.33 12.29
C LYS B 88 19.65 8.67 13.69
N LEU B 89 19.20 9.81 14.23
CA LEU B 89 19.67 10.28 15.52
C LEU B 89 19.49 9.28 16.65
N ARG B 90 18.40 8.54 16.64
CA ARG B 90 18.12 7.66 17.78
C ARG B 90 18.52 6.21 17.57
N MET B 91 19.17 5.90 16.44
CA MET B 91 19.69 4.55 16.21
C MET B 91 20.50 4.05 17.40
N VAL B 92 21.33 4.93 17.96
CA VAL B 92 22.16 4.55 19.11
C VAL B 92 21.30 4.22 20.33
N VAL B 93 20.16 4.90 20.46
CA VAL B 93 19.27 4.65 21.59
C VAL B 93 18.59 3.29 21.40
N ALA B 94 18.17 3.05 20.18
CA ALA B 94 17.56 1.78 19.81
C ALA B 94 18.52 0.62 20.10
N ARG B 95 19.75 0.76 19.61
CA ARG B 95 20.79 -0.26 19.85
C ARG B 95 20.99 -0.50 21.34
N ASP B 96 21.08 0.59 22.07
CA ASP B 96 21.24 0.59 23.52
C ASP B 96 20.14 -0.24 24.19
N GLU B 97 18.89 0.03 23.84
CA GLU B 97 17.77 -0.70 24.42
C GLU B 97 17.76 -2.16 23.97
N MET B 98 18.10 -2.37 22.71
CA MET B 98 18.14 -3.70 22.13
C MET B 98 19.13 -4.58 22.89
N GLU B 99 20.38 -4.13 22.98
CA GLU B 99 21.45 -4.85 23.69
C GLU B 99 21.08 -5.15 25.13
N HIS B 100 20.47 -4.20 25.83
CA HIS B 100 20.11 -4.42 27.22
C HIS B 100 19.07 -5.53 27.38
N MET B 101 18.10 -5.59 26.47
CA MET B 101 17.07 -6.62 26.54
C MET B 101 17.63 -7.98 26.15
N LEU B 102 18.56 -7.99 25.21
CA LEU B 102 19.17 -9.24 24.80
C LEU B 102 20.13 -9.77 25.86
N LYS B 103 21.12 -8.95 26.25
CA LYS B 103 22.04 -9.27 27.34
C LYS B 103 21.32 -9.84 28.56
N HIS B 104 20.12 -9.32 28.82
CA HIS B 104 19.26 -9.82 29.88
C HIS B 104 19.16 -11.35 29.83
N SER B 105 19.49 -11.99 30.95
CA SER B 105 19.58 -13.44 31.03
C SER B 105 18.27 -14.19 30.80
N ASN B 106 17.24 -13.53 30.28
CA ASN B 106 15.90 -14.11 30.25
C ASN B 106 15.28 -14.37 28.88
N MET B 107 15.75 -15.38 28.12
CA MET B 107 16.79 -16.33 28.54
C MET B 107 17.25 -17.07 27.29
N ARG B 108 16.33 -17.18 26.34
CA ARG B 108 16.54 -18.00 25.15
C ARG B 108 17.09 -17.19 23.99
N LYS B 109 17.71 -17.90 23.06
CA LYS B 109 18.19 -17.30 21.82
C LYS B 109 17.07 -17.40 20.78
N VAL B 110 15.98 -16.67 21.02
CA VAL B 110 14.86 -16.66 20.10
C VAL B 110 15.16 -15.83 18.85
N PRO B 111 14.57 -16.20 17.71
CA PRO B 111 14.76 -15.44 16.45
C PRO B 111 14.31 -13.99 16.59
N ILE B 112 14.99 -13.07 15.92
CA ILE B 112 14.66 -11.66 15.96
C ILE B 112 14.46 -11.11 14.56
N LEU B 113 13.24 -10.66 14.26
CA LEU B 113 12.99 -10.00 12.98
C LEU B 113 13.13 -8.49 13.17
N TYR B 114 13.99 -7.87 12.38
CA TYR B 114 14.12 -6.41 12.41
C TYR B 114 13.36 -5.81 11.24
N PHE B 115 12.44 -4.88 11.55
CA PHE B 115 11.76 -4.13 10.51
C PHE B 115 12.42 -2.77 10.37
N ALA B 116 12.97 -2.51 9.20
CA ALA B 116 13.52 -1.19 8.91
C ALA B 116 12.33 -0.39 8.37
N ASN B 117 11.54 0.16 9.29
CA ASN B 117 10.23 0.69 8.96
C ASN B 117 10.33 2.10 8.36
N LYS B 118 9.23 2.53 7.73
CA LYS B 118 9.11 3.84 7.10
C LYS B 118 10.07 4.02 5.91
N LYS B 119 10.25 2.94 5.15
CA LYS B 119 11.13 2.99 3.99
C LYS B 119 10.64 4.01 2.95
N ASP B 120 9.37 4.41 3.06
CA ASP B 120 8.75 5.35 2.12
C ASP B 120 9.25 6.78 2.31
N LEU B 121 9.82 7.07 3.49
CA LEU B 121 10.27 8.43 3.79
C LEU B 121 11.57 8.78 3.06
N PRO B 122 11.64 10.00 2.51
CA PRO B 122 12.80 10.57 1.81
C PRO B 122 14.13 10.21 2.45
N VAL B 123 14.29 10.52 3.73
CA VAL B 123 15.57 10.28 4.40
C VAL B 123 15.76 8.88 4.99
N ALA B 124 14.95 7.91 4.55
CA ALA B 124 15.08 6.54 5.07
C ALA B 124 16.49 5.98 4.91
N MET B 125 17.08 5.60 6.04
CA MET B 125 18.35 4.87 6.05
C MET B 125 18.16 3.48 5.47
N PRO B 126 19.06 3.07 4.55
CA PRO B 126 18.96 1.72 3.97
C PRO B 126 19.23 0.66 5.02
N PRO B 127 18.61 -0.51 4.87
CA PRO B 127 18.76 -1.61 5.83
C PRO B 127 20.22 -1.97 6.16
N VAL B 128 21.12 -1.93 5.17
CA VAL B 128 22.54 -2.22 5.43
C VAL B 128 23.14 -1.25 6.45
N GLU B 129 22.87 0.05 6.27
CA GLU B 129 23.36 1.06 7.22
C GLU B 129 22.74 0.86 8.61
N ILE B 130 21.46 0.48 8.63
CA ILE B 130 20.77 0.22 9.90
C ILE B 130 21.35 -1.02 10.57
N ALA B 131 21.59 -2.08 9.79
CA ALA B 131 22.28 -3.26 10.30
C ALA B 131 23.65 -2.88 10.88
N GLN B 132 24.36 -1.97 10.19
CA GLN B 132 25.65 -1.53 10.68
C GLN B 132 25.49 -0.77 11.99
N ALA B 133 24.60 0.21 12.01
CA ALA B 133 24.42 1.09 13.17
C ALA B 133 23.93 0.39 14.45
N LEU B 134 23.31 -0.78 14.31
CA LEU B 134 22.87 -1.51 15.49
C LEU B 134 23.75 -2.72 15.83
N GLY B 135 24.75 -2.98 14.99
CA GLY B 135 25.69 -4.05 15.24
C GLY B 135 25.08 -5.43 15.09
N LEU B 136 24.19 -5.57 14.11
CA LEU B 136 23.48 -6.84 13.91
C LEU B 136 24.40 -7.96 13.45
N ASP B 137 25.45 -7.62 12.71
CA ASP B 137 26.35 -8.65 12.20
C ASP B 137 27.13 -9.33 13.33
N ASP B 138 27.27 -8.67 14.47
CA ASP B 138 27.90 -9.27 15.65
C ASP B 138 26.96 -10.22 16.37
N ILE B 139 25.80 -10.50 15.78
CA ILE B 139 24.85 -11.44 16.35
C ILE B 139 24.94 -12.76 15.60
N LYS B 140 25.62 -13.74 16.19
CA LYS B 140 25.84 -15.01 15.50
C LYS B 140 25.33 -16.22 16.28
N ASP B 141 24.66 -15.96 17.41
CA ASP B 141 24.16 -17.03 18.26
C ASP B 141 22.64 -17.24 18.17
N ARG B 142 22.01 -16.57 17.22
CA ARG B 142 20.57 -16.68 16.99
C ARG B 142 20.23 -16.23 15.57
N PRO B 143 19.10 -16.70 15.03
CA PRO B 143 18.72 -16.20 13.71
C PRO B 143 18.19 -14.76 13.79
N TRP B 144 18.51 -13.96 12.78
CA TRP B 144 17.94 -12.63 12.67
C TRP B 144 17.90 -12.20 11.23
N GLN B 145 16.96 -11.32 10.93
CA GLN B 145 16.76 -10.83 9.59
C GLN B 145 16.32 -9.37 9.68
N ILE B 146 16.71 -8.57 8.70
CA ILE B 146 16.23 -7.19 8.62
C ILE B 146 15.51 -6.98 7.29
N VAL B 147 14.29 -6.48 7.38
CA VAL B 147 13.46 -6.28 6.21
C VAL B 147 12.89 -4.86 6.19
N PRO B 148 13.06 -4.16 5.07
CA PRO B 148 12.49 -2.80 4.98
C PRO B 148 10.97 -2.90 4.85
N SER B 149 10.26 -1.99 5.48
CA SER B 149 8.80 -2.09 5.49
C SER B 149 8.16 -0.70 5.39
N ASN B 150 6.94 -0.69 4.88
CA ASN B 150 6.07 0.47 4.97
C ASN B 150 4.85 0.01 5.77
N GLY B 151 4.78 0.41 7.04
CA GLY B 151 3.68 -0.01 7.90
C GLY B 151 2.30 0.45 7.46
N LEU B 152 2.25 1.58 6.75
CA LEU B 152 0.97 2.10 6.27
C LEU B 152 0.37 1.22 5.19
N THR B 153 1.21 0.65 4.33
CA THR B 153 0.73 -0.13 3.19
C THR B 153 0.85 -1.62 3.42
N GLY B 154 1.70 -2.02 4.37
CA GLY B 154 1.96 -3.42 4.63
C GLY B 154 3.11 -3.98 3.81
N GLU B 155 3.71 -3.17 2.94
CA GLU B 155 4.85 -3.59 2.15
C GLU B 155 6.01 -4.09 3.03
N GLY B 156 6.55 -5.25 2.70
CA GLY B 156 7.65 -5.82 3.45
C GLY B 156 7.23 -6.62 4.67
N VAL B 157 6.04 -6.34 5.19
CA VAL B 157 5.57 -6.97 6.42
C VAL B 157 5.38 -8.49 6.30
N ASP B 158 4.63 -8.95 5.30
CA ASP B 158 4.41 -10.39 5.12
C ASP B 158 5.71 -11.13 4.83
N LYS B 159 6.61 -10.50 4.07
CA LYS B 159 7.90 -11.11 3.77
C LYS B 159 8.68 -11.38 5.06
N GLY B 160 8.65 -10.39 5.96
CA GLY B 160 9.32 -10.52 7.25
C GLY B 160 8.65 -11.57 8.12
N ILE B 161 7.33 -11.62 8.07
CA ILE B 161 6.58 -12.55 8.92
C ILE B 161 6.66 -13.98 8.37
N ASP B 162 6.71 -14.12 7.05
CA ASP B 162 6.90 -15.43 6.46
C ASP B 162 8.21 -16.01 6.94
N TRP B 163 9.24 -15.16 6.99
CA TRP B 163 10.54 -15.57 7.49
C TRP B 163 10.46 -15.99 8.96
N LEU B 164 9.77 -15.19 9.77
CA LEU B 164 9.70 -15.47 11.20
C LEU B 164 8.94 -16.76 11.46
N ALA B 165 7.86 -16.96 10.72
CA ALA B 165 7.06 -18.17 10.84
C ALA B 165 7.88 -19.41 10.46
N GLU B 166 8.77 -19.26 9.49
CA GLU B 166 9.64 -20.36 9.07
C GLU B 166 10.54 -20.78 10.23
N ARG B 167 11.05 -19.79 10.96
CA ARG B 167 11.91 -20.06 12.10
C ARG B 167 11.15 -20.50 13.35
N LEU B 168 9.83 -20.63 13.24
CA LEU B 168 9.00 -20.96 14.41
C LEU B 168 8.27 -22.29 14.29
N SER B 169 8.35 -22.91 13.11
CA SER B 169 7.73 -24.22 12.93
C SER B 169 8.78 -25.24 12.50
#